data_7PB7
#
_entry.id   7PB7
#
_cell.length_a   40.610
_cell.length_b   45.200
_cell.length_c   99.590
_cell.angle_alpha   90.000
_cell.angle_beta   101.055
_cell.angle_gamma   90.000
#
_symmetry.space_group_name_H-M   'P 1 21 1'
#
loop_
_entity.id
_entity.type
_entity.pdbx_description
1 polymer 'GlcNAc-binding protein A'
2 non-polymer 'COPPER (II) ION'
3 non-polymer 'CALCIUM ION'
4 water water
#
_entity_poly.entity_id   1
_entity_poly.type   'polypeptide(L)'
_entity_poly.pdbx_seq_one_letter_code
;HGYVSAVENGVAEGRVTLCKFAANGTGEKNTHCGAIQYEPQSVEGPDGFPVTGPRDGKIASAESALAAALDEQTADRWVK
RPIQAGPQTFEWTFTANHVTKDWKYYITKPNWNPNQPLSRDAFDLNPFCVVEGNMVQPPKRVSHECIVPEREGYQVILAV
WDVGDTAASFYNVIDVKFDG
;
_entity_poly.pdbx_strand_id   A,B
#
loop_
_chem_comp.id
_chem_comp.type
_chem_comp.name
_chem_comp.formula
CA non-polymer 'CALCIUM ION' 'Ca 2'
CU non-polymer 'COPPER (II) ION' 'Cu 2'
#
# COMPACT_ATOMS: atom_id res chain seq x y z
N HIS A 1 -21.13 0.38 1.53
CA HIS A 1 -21.54 1.77 1.34
C HIS A 1 -21.55 2.51 2.68
N GLY A 2 -20.89 3.65 2.70
CA GLY A 2 -20.81 4.44 3.92
C GLY A 2 -20.03 5.71 3.65
N TYR A 3 -19.94 6.54 4.69
CA TYR A 3 -19.34 7.86 4.54
C TYR A 3 -18.76 8.32 5.87
N VAL A 4 -17.84 9.27 5.80
CA VAL A 4 -17.25 9.83 7.01
C VAL A 4 -18.21 10.84 7.61
N SER A 5 -18.49 10.70 8.90
CA SER A 5 -19.61 11.40 9.53
C SER A 5 -19.17 12.02 10.85
N ALA A 6 -20.06 12.81 11.43
CA ALA A 6 -19.85 13.42 12.73
C ALA A 6 -21.15 13.39 13.52
N VAL A 7 -21.73 12.20 13.64
CA VAL A 7 -23.02 12.09 14.32
C VAL A 7 -22.84 11.86 15.80
N GLU A 8 -21.91 10.97 16.18
CA GLU A 8 -21.71 10.66 17.59
C GLU A 8 -20.35 11.07 18.12
N ASN A 9 -19.30 10.95 17.30
CA ASN A 9 -17.96 11.11 17.84
C ASN A 9 -16.95 11.73 16.87
N GLY A 10 -17.29 11.80 15.58
CA GLY A 10 -16.30 12.20 14.59
C GLY A 10 -15.94 13.67 14.69
N VAL A 11 -14.69 13.97 14.32
CA VAL A 11 -14.19 15.34 14.39
C VAL A 11 -14.63 16.16 13.17
N ALA A 12 -14.88 15.51 12.03
CA ALA A 12 -15.17 16.25 10.80
C ALA A 12 -15.84 15.31 9.80
N GLU A 13 -16.91 15.79 9.18
CA GLU A 13 -17.63 15.06 8.15
C GLU A 13 -16.86 15.03 6.84
N GLY A 14 -17.08 13.97 6.06
CA GLY A 14 -16.56 13.93 4.71
C GLY A 14 -17.14 15.04 3.85
N ARG A 15 -16.38 15.44 2.83
CA ARG A 15 -16.85 16.42 1.85
C ARG A 15 -18.15 15.97 1.22
N VAL A 16 -18.23 14.69 0.82
CA VAL A 16 -19.44 14.19 0.20
C VAL A 16 -20.59 14.14 1.20
N THR A 17 -20.30 13.82 2.46
CA THR A 17 -21.33 13.76 3.49
C THR A 17 -22.06 15.09 3.62
N LEU A 18 -21.31 16.20 3.50
CA LEU A 18 -21.87 17.53 3.63
C LEU A 18 -22.65 17.97 2.40
N CYS A 19 -22.65 17.16 1.32
CA CYS A 19 -23.56 17.43 0.22
C CYS A 19 -24.99 17.11 0.58
N LYS A 20 -25.20 16.19 1.52
CA LYS A 20 -26.53 15.78 1.98
C LYS A 20 -26.86 16.27 3.38
N PHE A 21 -25.93 16.14 4.32
CA PHE A 21 -26.18 16.44 5.72
C PHE A 21 -25.54 17.77 6.12
N ALA A 22 -26.30 18.58 6.85
CA ALA A 22 -25.75 19.85 7.33
C ALA A 22 -24.63 19.60 8.33
N ALA A 23 -23.61 20.47 8.30
CA ALA A 23 -22.46 20.33 9.17
C ALA A 23 -22.85 20.50 10.63
N ASN A 24 -22.19 19.74 11.50
CA ASN A 24 -22.38 19.88 12.93
C ASN A 24 -22.07 21.31 13.35
N GLY A 25 -23.00 21.93 14.08
CA GLY A 25 -22.80 23.25 14.64
C GLY A 25 -23.21 24.38 13.72
N THR A 26 -22.56 24.48 12.57
CA THR A 26 -22.79 25.59 11.64
C THR A 26 -23.94 25.33 10.68
N GLY A 27 -24.27 24.07 10.38
CA GLY A 27 -25.28 23.79 9.39
C GLY A 27 -24.84 24.00 7.95
N GLU A 28 -23.56 24.27 7.71
CA GLU A 28 -23.08 24.46 6.35
C GLU A 28 -23.21 23.18 5.53
N LYS A 29 -23.46 23.34 4.24
CA LYS A 29 -23.47 22.21 3.30
C LYS A 29 -22.55 22.51 2.13
N ASN A 30 -22.02 21.46 1.51
CA ASN A 30 -21.43 21.63 0.20
C ASN A 30 -22.52 21.66 -0.85
N THR A 31 -22.31 22.45 -1.90
CA THR A 31 -23.32 22.67 -2.92
C THR A 31 -22.82 22.20 -4.28
N HIS A 32 -23.77 22.06 -5.20
CA HIS A 32 -23.49 21.70 -6.60
C HIS A 32 -22.65 20.44 -6.70
N CYS A 33 -23.06 19.42 -5.95
CA CYS A 33 -22.36 18.15 -5.88
C CYS A 33 -22.81 17.16 -6.94
N GLY A 34 -23.84 17.48 -7.71
CA GLY A 34 -24.35 16.49 -8.63
C GLY A 34 -25.06 15.36 -7.91
N ALA A 35 -25.13 14.21 -8.60
CA ALA A 35 -26.03 13.14 -8.17
C ALA A 35 -25.60 12.51 -6.85
N ILE A 36 -24.32 12.56 -6.52
CA ILE A 36 -23.85 11.95 -5.28
C ILE A 36 -24.49 12.59 -4.05
N GLN A 37 -25.07 13.79 -4.21
CA GLN A 37 -25.70 14.48 -3.07
C GLN A 37 -26.84 13.66 -2.47
N TYR A 38 -27.48 12.79 -3.26
CA TYR A 38 -28.56 11.96 -2.76
C TYR A 38 -28.08 10.64 -2.16
N GLU A 39 -26.80 10.30 -2.33
CA GLU A 39 -26.25 9.05 -1.79
C GLU A 39 -24.78 9.25 -1.48
N PRO A 40 -24.47 10.08 -0.47
CA PRO A 40 -23.06 10.29 -0.12
C PRO A 40 -22.34 9.00 0.26
N GLN A 41 -23.09 7.92 0.52
CA GLN A 41 -22.50 6.63 0.85
C GLN A 41 -21.87 5.93 -0.34
N SER A 42 -21.97 6.47 -1.56
CA SER A 42 -21.67 5.67 -2.75
C SER A 42 -20.39 6.10 -3.47
N VAL A 43 -19.43 6.70 -2.75
CA VAL A 43 -18.18 7.07 -3.41
C VAL A 43 -17.25 5.85 -3.46
N GLU A 44 -17.65 4.87 -4.25
CA GLU A 44 -16.97 3.58 -4.35
C GLU A 44 -16.04 3.58 -5.57
N GLY A 45 -14.82 3.09 -5.39
CA GLY A 45 -13.84 3.08 -6.44
C GLY A 45 -12.88 1.92 -6.31
N PRO A 46 -11.98 1.75 -7.29
CA PRO A 46 -11.08 0.60 -7.26
C PRO A 46 -10.09 0.64 -6.11
N ASP A 47 -9.80 -0.55 -5.59
CA ASP A 47 -8.78 -0.77 -4.57
C ASP A 47 -7.41 -0.23 -4.95
N GLY A 48 -6.60 0.08 -3.94
CA GLY A 48 -5.16 0.09 -4.10
C GLY A 48 -4.50 1.44 -4.19
N PHE A 49 -5.20 2.52 -3.90
CA PHE A 49 -4.55 3.83 -3.83
C PHE A 49 -3.36 3.76 -2.87
N PRO A 50 -2.19 4.34 -3.22
CA PRO A 50 -1.84 5.08 -4.44
C PRO A 50 -1.19 4.21 -5.52
N VAL A 51 -0.92 2.95 -5.19
CA VAL A 51 -0.27 2.05 -6.14
C VAL A 51 -1.14 1.85 -7.38
N THR A 52 -2.40 1.50 -7.17
CA THR A 52 -3.40 1.51 -8.22
C THR A 52 -4.54 2.42 -7.75
N GLY A 53 -5.78 2.02 -7.99
CA GLY A 53 -6.91 2.80 -7.53
C GLY A 53 -7.14 4.06 -8.36
N PRO A 54 -7.87 5.02 -7.80
CA PRO A 54 -8.30 6.18 -8.58
C PRO A 54 -7.11 7.03 -9.04
N ARG A 55 -7.17 7.46 -10.30
CA ARG A 55 -6.04 8.19 -10.86
C ARG A 55 -6.06 9.64 -10.38
N ASP A 56 -4.91 10.29 -10.53
CA ASP A 56 -4.77 11.70 -10.16
C ASP A 56 -5.89 12.52 -10.79
N GLY A 57 -6.42 13.47 -10.02
CA GLY A 57 -7.53 14.28 -10.47
C GLY A 57 -8.88 13.62 -10.35
N LYS A 58 -8.93 12.34 -9.99
CA LYS A 58 -10.17 11.60 -9.81
C LYS A 58 -10.21 10.94 -8.44
N ILE A 59 -9.40 11.43 -7.50
CA ILE A 59 -9.31 10.83 -6.17
C ILE A 59 -10.58 11.12 -5.37
N ALA A 60 -11.02 12.37 -5.37
CA ALA A 60 -12.16 12.76 -4.55
C ALA A 60 -13.45 12.09 -5.02
N SER A 61 -13.56 11.84 -6.31
CA SER A 61 -14.73 11.14 -6.85
C SER A 61 -14.55 9.64 -6.89
N ALA A 62 -13.34 9.14 -6.62
CA ALA A 62 -13.01 7.71 -6.74
C ALA A 62 -13.34 7.19 -8.14
N GLU A 63 -13.34 8.08 -9.13
CA GLU A 63 -13.68 7.79 -10.52
C GLU A 63 -15.15 7.43 -10.70
N SER A 64 -16.01 7.73 -9.73
CA SER A 64 -17.44 7.52 -9.89
C SER A 64 -18.07 8.65 -10.71
N ALA A 65 -18.79 8.28 -11.78
CA ALA A 65 -19.50 9.28 -12.58
C ALA A 65 -20.51 10.05 -11.73
N LEU A 66 -21.01 9.43 -10.65
CA LEU A 66 -21.95 10.09 -9.77
C LEU A 66 -21.30 11.25 -9.03
N ALA A 67 -20.02 11.13 -8.68
CA ALA A 67 -19.37 12.04 -7.75
C ALA A 67 -18.33 12.92 -8.43
N ALA A 68 -18.40 13.03 -9.76
CA ALA A 68 -17.42 13.80 -10.52
C ALA A 68 -17.28 15.22 -9.99
N ALA A 69 -18.37 15.81 -9.49
CA ALA A 69 -18.29 17.19 -9.03
C ALA A 69 -17.28 17.36 -7.90
N LEU A 70 -17.03 16.31 -7.12
CA LEU A 70 -16.12 16.42 -5.99
C LEU A 70 -14.66 16.61 -6.41
N ASP A 71 -14.34 16.37 -7.68
CA ASP A 71 -12.96 16.52 -8.12
C ASP A 71 -12.55 17.99 -8.31
N GLU A 72 -13.49 18.92 -8.26
CA GLU A 72 -13.11 20.33 -8.30
C GLU A 72 -12.25 20.66 -7.08
N GLN A 73 -11.21 21.49 -7.27
CA GLN A 73 -10.31 21.82 -6.17
C GLN A 73 -9.87 23.27 -6.28
N THR A 74 -10.42 24.12 -5.41
CA THR A 74 -9.96 25.49 -5.25
C THR A 74 -9.98 25.81 -3.76
N ALA A 75 -9.34 26.94 -3.41
CA ALA A 75 -9.23 27.30 -2.00
C ALA A 75 -10.59 27.56 -1.35
N ASP A 76 -11.59 27.98 -2.12
CA ASP A 76 -12.87 28.38 -1.57
C ASP A 76 -14.02 27.45 -1.92
N ARG A 77 -13.75 26.32 -2.60
CA ARG A 77 -14.85 25.55 -3.16
C ARG A 77 -15.64 24.79 -2.10
N TRP A 78 -15.00 24.33 -1.02
CA TRP A 78 -15.60 23.33 -0.14
C TRP A 78 -15.67 23.82 1.30
N VAL A 79 -16.66 23.28 2.02
CA VAL A 79 -16.82 23.61 3.44
C VAL A 79 -15.63 23.03 4.21
N LYS A 80 -14.91 23.89 4.92
CA LYS A 80 -13.79 23.44 5.73
C LYS A 80 -14.23 23.28 7.17
N ARG A 81 -13.82 22.18 7.79
CA ARG A 81 -14.17 21.82 9.16
C ARG A 81 -12.97 21.98 10.08
N PRO A 82 -13.13 22.61 11.24
CA PRO A 82 -11.97 22.86 12.12
C PRO A 82 -11.38 21.59 12.67
N ILE A 83 -10.05 21.56 12.80
CA ILE A 83 -9.34 20.42 13.36
C ILE A 83 -8.09 20.93 14.06
N GLN A 84 -7.53 20.10 14.93
CA GLN A 84 -6.25 20.38 15.58
C GLN A 84 -5.35 19.17 15.45
N ALA A 85 -4.05 19.40 15.49
CA ALA A 85 -3.12 18.28 15.52
C ALA A 85 -3.26 17.52 16.83
N GLY A 86 -2.75 16.30 16.85
CA GLY A 86 -2.83 15.46 18.00
C GLY A 86 -3.97 14.47 17.92
N PRO A 87 -4.32 13.85 19.04
CA PRO A 87 -5.41 12.87 19.05
C PRO A 87 -6.71 13.45 18.53
N GLN A 88 -7.31 12.75 17.57
CA GLN A 88 -8.62 13.09 17.06
C GLN A 88 -9.34 11.79 16.69
N THR A 89 -10.67 11.85 16.70
CA THR A 89 -11.49 10.68 16.35
C THR A 89 -12.19 10.92 15.02
N PHE A 90 -12.04 9.98 14.10
CA PHE A 90 -12.80 9.97 12.86
C PHE A 90 -13.88 8.90 12.94
N GLU A 91 -14.99 9.15 12.25
CA GLU A 91 -16.17 8.32 12.37
C GLU A 91 -16.68 7.97 10.98
N TRP A 92 -17.03 6.71 10.79
CA TRP A 92 -17.70 6.25 9.58
C TRP A 92 -19.11 5.80 9.92
N THR A 93 -20.05 6.14 9.07
CA THR A 93 -21.40 5.60 9.13
C THR A 93 -21.60 4.74 7.88
N PHE A 94 -22.05 3.51 8.08
CA PHE A 94 -22.24 2.57 6.99
C PHE A 94 -23.73 2.37 6.75
N THR A 95 -24.18 2.60 5.51
CA THR A 95 -25.49 2.12 5.12
C THR A 95 -25.47 0.62 4.84
N ALA A 96 -24.31 0.07 4.51
CA ALA A 96 -24.13 -1.37 4.37
C ALA A 96 -22.73 -1.70 4.90
N ASN A 97 -22.67 -2.29 6.09
CA ASN A 97 -21.38 -2.48 6.78
C ASN A 97 -20.71 -3.76 6.27
N HIS A 98 -20.09 -3.64 5.11
CA HIS A 98 -19.43 -4.78 4.47
C HIS A 98 -18.26 -5.30 5.30
N VAL A 99 -17.93 -6.57 5.08
CA VAL A 99 -16.67 -7.15 5.58
C VAL A 99 -15.53 -6.22 5.19
N THR A 100 -14.64 -5.94 6.15
CA THR A 100 -13.67 -4.87 6.00
C THR A 100 -12.24 -5.38 6.12
N LYS A 101 -11.40 -4.98 5.18
CA LYS A 101 -9.96 -5.25 5.28
C LYS A 101 -9.29 -4.26 6.23
N ASP A 102 -9.35 -2.97 5.91
CA ASP A 102 -8.82 -1.96 6.83
C ASP A 102 -9.36 -0.59 6.44
N TRP A 103 -9.03 0.40 7.26
CA TRP A 103 -9.21 1.80 6.94
C TRP A 103 -7.84 2.46 6.98
N LYS A 104 -7.59 3.38 6.05
CA LYS A 104 -6.35 4.15 6.02
C LYS A 104 -6.67 5.63 5.88
N TYR A 105 -5.86 6.47 6.53
CA TYR A 105 -6.05 7.92 6.50
C TYR A 105 -4.75 8.59 6.09
N TYR A 106 -4.84 9.46 5.07
CA TYR A 106 -3.71 10.23 4.55
C TYR A 106 -4.01 11.71 4.70
N ILE A 107 -2.95 12.51 4.84
CA ILE A 107 -3.12 13.95 4.92
C ILE A 107 -2.24 14.61 3.86
N THR A 108 -2.69 15.75 3.34
CA THR A 108 -1.92 16.48 2.36
C THR A 108 -0.58 16.92 2.94
N LYS A 109 0.40 17.10 2.06
CA LYS A 109 1.68 17.65 2.45
C LYS A 109 1.51 19.11 2.87
N PRO A 110 2.37 19.60 3.77
CA PRO A 110 2.21 20.98 4.27
C PRO A 110 2.08 22.04 3.18
N ASN A 111 2.84 21.93 2.09
CA ASN A 111 2.81 22.95 1.04
C ASN A 111 2.05 22.49 -0.18
N TRP A 112 1.04 21.64 0.00
CA TRP A 112 0.19 21.23 -1.10
C TRP A 112 -0.53 22.44 -1.70
N ASN A 113 -0.98 22.30 -2.94
CA ASN A 113 -1.59 23.41 -3.66
C ASN A 113 -3.09 23.24 -3.68
N PRO A 114 -3.85 24.01 -2.89
CA PRO A 114 -5.31 23.82 -2.83
C PRO A 114 -6.05 24.29 -4.06
N ASN A 115 -5.36 24.82 -5.07
CA ASN A 115 -6.00 25.39 -6.25
C ASN A 115 -5.76 24.56 -7.51
N GLN A 116 -5.34 23.32 -7.37
CA GLN A 116 -5.22 22.41 -8.51
C GLN A 116 -5.81 21.07 -8.10
N PRO A 117 -6.17 20.23 -9.07
CA PRO A 117 -6.81 18.95 -8.73
C PRO A 117 -5.93 18.11 -7.81
N LEU A 118 -6.59 17.37 -6.91
CA LEU A 118 -5.87 16.51 -5.99
C LEU A 118 -5.11 15.44 -6.77
N SER A 119 -3.94 15.09 -6.25
CA SER A 119 -3.04 14.15 -6.90
C SER A 119 -2.21 13.45 -5.83
N ARG A 120 -1.60 12.33 -6.22
CA ARG A 120 -0.70 11.63 -5.31
C ARG A 120 0.35 12.56 -4.73
N ASP A 121 0.86 13.49 -5.55
CA ASP A 121 1.90 14.40 -5.10
C ASP A 121 1.42 15.38 -4.03
N ALA A 122 0.10 15.58 -3.93
CA ALA A 122 -0.43 16.46 -2.90
C ALA A 122 -0.42 15.82 -1.51
N PHE A 123 -0.38 14.50 -1.43
CA PHE A 123 -0.56 13.78 -0.17
C PHE A 123 0.76 13.18 0.30
N ASP A 124 0.93 13.14 1.62
CA ASP A 124 1.90 12.25 2.23
C ASP A 124 1.36 10.83 2.07
N LEU A 125 2.05 10.02 1.26
CA LEU A 125 1.55 8.68 0.98
C LEU A 125 1.81 7.70 2.10
N ASN A 126 2.49 8.12 3.17
CA ASN A 126 2.60 7.36 4.41
C ASN A 126 1.35 7.65 5.24
N PRO A 127 0.42 6.71 5.37
CA PRO A 127 -0.82 7.02 6.06
C PRO A 127 -0.56 7.36 7.51
N PHE A 128 -1.23 8.41 7.99
CA PHE A 128 -1.03 8.80 9.39
C PHE A 128 -1.85 7.96 10.35
N CYS A 129 -2.79 7.17 9.83
CA CYS A 129 -3.62 6.33 10.67
C CYS A 129 -4.03 5.11 9.86
N VAL A 130 -3.89 3.93 10.46
CA VAL A 130 -4.31 2.66 9.86
C VAL A 130 -5.08 1.88 10.91
N VAL A 131 -6.25 1.37 10.55
CA VAL A 131 -7.11 0.62 11.46
C VAL A 131 -7.44 -0.72 10.81
N GLU A 132 -7.10 -1.81 11.49
CA GLU A 132 -7.35 -3.13 10.95
C GLU A 132 -8.83 -3.50 11.02
N GLY A 133 -9.34 -4.10 9.95
CA GLY A 133 -10.72 -4.56 9.93
C GLY A 133 -10.86 -6.05 10.22
N ASN A 134 -9.78 -6.82 10.03
CA ASN A 134 -9.70 -8.22 10.38
C ASN A 134 -10.62 -9.10 9.54
N MET A 135 -11.05 -8.61 8.37
CA MET A 135 -11.89 -9.36 7.44
C MET A 135 -13.20 -9.80 8.10
N VAL A 136 -13.79 -8.90 8.89
CA VAL A 136 -15.09 -9.13 9.51
C VAL A 136 -15.95 -7.89 9.32
N GLN A 137 -17.25 -8.07 9.54
CA GLN A 137 -18.20 -6.95 9.48
C GLN A 137 -17.96 -6.01 10.65
N PRO A 138 -17.80 -4.71 10.41
CA PRO A 138 -17.79 -3.75 11.51
C PRO A 138 -19.21 -3.45 11.96
N PRO A 139 -19.39 -2.80 13.09
CA PRO A 139 -20.72 -2.25 13.41
C PRO A 139 -21.11 -1.18 12.40
N LYS A 140 -22.39 -0.81 12.41
CA LYS A 140 -22.89 0.15 11.43
C LYS A 140 -22.31 1.55 11.61
N ARG A 141 -21.70 1.83 12.75
CA ARG A 141 -20.97 3.08 12.94
C ARG A 141 -19.72 2.77 13.75
N VAL A 142 -18.58 3.32 13.32
CA VAL A 142 -17.31 3.08 13.99
C VAL A 142 -16.62 4.42 14.23
N SER A 143 -15.79 4.45 15.28
CA SER A 143 -14.94 5.58 15.60
C SER A 143 -13.49 5.12 15.65
N HIS A 144 -12.60 5.85 14.98
CA HIS A 144 -11.18 5.53 14.90
C HIS A 144 -10.39 6.65 15.56
N GLU A 145 -9.58 6.32 16.56
CA GLU A 145 -8.72 7.31 17.20
C GLU A 145 -7.39 7.35 16.46
N CYS A 146 -7.04 8.53 15.97
CA CYS A 146 -5.83 8.74 15.17
C CYS A 146 -5.03 9.88 15.76
N ILE A 147 -3.75 9.92 15.42
CA ILE A 147 -2.88 11.05 15.76
C ILE A 147 -2.71 11.91 14.51
N VAL A 148 -3.30 13.10 14.52
CA VAL A 148 -3.26 13.98 13.34
C VAL A 148 -1.96 14.78 13.38
N PRO A 149 -1.19 14.81 12.28
CA PRO A 149 0.08 15.54 12.30
C PRO A 149 -0.14 17.05 12.33
N GLU A 150 0.92 17.77 12.67
CA GLU A 150 0.86 19.23 12.75
C GLU A 150 0.78 19.83 11.36
N ARG A 151 -0.12 20.80 11.21
CA ARG A 151 -0.32 21.51 9.95
C ARG A 151 -0.83 22.91 10.26
N GLU A 152 -0.74 23.79 9.26
CA GLU A 152 -1.40 25.08 9.31
C GLU A 152 -2.38 25.22 8.15
N GLY A 153 -3.44 26.00 8.37
CA GLY A 153 -4.36 26.34 7.29
C GLY A 153 -5.16 25.17 6.74
N TYR A 154 -5.54 25.32 5.47
CA TYR A 154 -6.41 24.37 4.78
C TYR A 154 -5.63 23.12 4.39
N GLN A 155 -6.15 21.96 4.78
CA GLN A 155 -5.57 20.67 4.42
C GLN A 155 -6.72 19.73 4.05
N VAL A 156 -6.37 18.65 3.35
CA VAL A 156 -7.33 17.62 3.00
C VAL A 156 -6.85 16.30 3.57
N ILE A 157 -7.77 15.57 4.19
CA ILE A 157 -7.51 14.22 4.68
C ILE A 157 -8.27 13.26 3.77
N LEU A 158 -7.59 12.22 3.30
CA LEU A 158 -8.23 11.20 2.48
C LEU A 158 -8.43 9.96 3.36
N ALA A 159 -9.68 9.59 3.57
CA ALA A 159 -10.04 8.40 4.32
C ALA A 159 -10.44 7.31 3.34
N VAL A 160 -9.79 6.15 3.44
CA VAL A 160 -10.03 5.03 2.53
C VAL A 160 -10.54 3.86 3.35
N TRP A 161 -11.73 3.36 3.01
CA TRP A 161 -12.32 2.17 3.61
C TRP A 161 -12.24 1.04 2.59
N ASP A 162 -11.41 0.04 2.86
CA ASP A 162 -11.17 -1.04 1.92
C ASP A 162 -12.10 -2.20 2.26
N VAL A 163 -13.11 -2.39 1.42
CA VAL A 163 -14.04 -3.51 1.59
C VAL A 163 -13.29 -4.79 1.28
N GLY A 164 -13.35 -5.76 2.21
CA GLY A 164 -12.48 -6.92 2.14
C GLY A 164 -12.91 -8.04 1.21
N ASP A 165 -14.18 -8.08 0.80
CA ASP A 165 -14.63 -9.15 -0.07
C ASP A 165 -14.94 -8.69 -1.48
N THR A 166 -14.55 -7.47 -1.84
CA THR A 166 -14.63 -6.98 -3.22
C THR A 166 -13.33 -6.29 -3.57
N ALA A 167 -13.12 -6.07 -4.87
CA ALA A 167 -11.98 -5.31 -5.35
C ALA A 167 -12.18 -3.80 -5.25
N ALA A 168 -13.08 -3.33 -4.38
CA ALA A 168 -13.44 -1.93 -4.29
C ALA A 168 -13.14 -1.36 -2.91
N SER A 169 -12.96 -0.05 -2.88
CA SER A 169 -12.80 0.72 -1.65
C SER A 169 -13.67 1.95 -1.74
N PHE A 170 -13.94 2.57 -0.59
CA PHE A 170 -14.66 3.83 -0.52
C PHE A 170 -13.71 4.93 -0.13
N TYR A 171 -13.75 6.04 -0.87
CA TYR A 171 -12.80 7.14 -0.75
C TYR A 171 -13.55 8.38 -0.33
N ASN A 172 -13.26 8.92 0.86
CA ASN A 172 -13.90 10.13 1.35
C ASN A 172 -12.81 11.14 1.66
N VAL A 173 -12.71 12.21 0.86
CA VAL A 173 -11.83 13.32 1.24
C VAL A 173 -12.55 14.16 2.28
N ILE A 174 -11.76 14.82 3.13
CA ILE A 174 -12.25 15.64 4.24
C ILE A 174 -11.52 16.99 4.15
N ASP A 175 -12.28 18.07 4.15
CA ASP A 175 -11.72 19.42 4.09
C ASP A 175 -11.60 19.97 5.50
N VAL A 176 -10.37 20.18 5.97
CA VAL A 176 -10.15 20.62 7.34
C VAL A 176 -9.35 21.92 7.36
N LYS A 177 -9.51 22.65 8.45
CA LYS A 177 -8.86 23.93 8.67
C LYS A 177 -8.13 23.90 10.01
N PHE A 178 -6.80 23.88 9.97
CA PHE A 178 -5.99 24.06 11.16
C PHE A 178 -5.85 25.55 11.46
N ASP A 179 -5.59 25.86 12.73
CA ASP A 179 -5.27 27.24 13.08
C ASP A 179 -4.11 27.74 12.22
N GLY A 180 -4.08 29.05 11.98
CA GLY A 180 -3.07 29.64 11.13
C GLY A 180 -3.40 29.55 9.66
N HIS B 1 19.23 -11.28 -15.28
CA HIS B 1 19.85 -11.84 -14.10
C HIS B 1 20.20 -10.73 -13.10
N GLY B 2 19.77 -10.93 -11.86
CA GLY B 2 19.95 -9.90 -10.84
C GLY B 2 19.28 -10.33 -9.57
N TYR B 3 19.51 -9.54 -8.51
CA TYR B 3 19.04 -9.93 -7.18
C TYR B 3 18.78 -8.68 -6.34
N VAL B 4 17.93 -8.86 -5.32
CA VAL B 4 17.61 -7.75 -4.42
C VAL B 4 18.76 -7.57 -3.43
N SER B 5 19.28 -6.34 -3.36
CA SER B 5 20.53 -6.08 -2.69
C SER B 5 20.38 -4.91 -1.73
N ALA B 6 21.46 -4.63 -0.99
CA ALA B 6 21.52 -3.48 -0.09
C ALA B 6 22.94 -2.90 -0.15
N VAL B 7 23.36 -2.50 -1.33
CA VAL B 7 24.70 -1.95 -1.51
C VAL B 7 24.71 -0.44 -1.35
N GLU B 8 23.80 0.27 -2.03
CA GLU B 8 23.80 1.72 -2.01
C GLU B 8 22.56 2.33 -1.36
N ASN B 9 21.41 1.70 -1.53
CA ASN B 9 20.17 2.27 -1.05
C ASN B 9 19.05 1.25 -1.06
N GLY B 10 19.20 0.17 -0.30
CA GLY B 10 18.16 -0.82 -0.15
C GLY B 10 18.01 -1.20 1.31
N VAL B 11 16.76 -1.46 1.71
CA VAL B 11 16.51 -1.71 3.13
C VAL B 11 16.82 -3.16 3.52
N ALA B 12 16.64 -4.12 2.61
CA ALA B 12 16.81 -5.52 2.97
C ALA B 12 17.22 -6.33 1.75
N GLU B 13 18.28 -7.12 1.92
CA GLU B 13 18.76 -8.01 0.86
C GLU B 13 17.80 -9.19 0.67
N GLY B 14 17.75 -9.69 -0.56
CA GLY B 14 16.98 -10.90 -0.82
C GLY B 14 17.56 -12.09 -0.08
N ARG B 15 16.69 -13.05 0.22
CA ARG B 15 17.13 -14.29 0.86
C ARG B 15 18.29 -14.91 0.10
N VAL B 16 18.14 -15.05 -1.22
CA VAL B 16 19.20 -15.68 -2.01
C VAL B 16 20.48 -14.87 -1.95
N THR B 17 20.36 -13.55 -1.93
CA THR B 17 21.55 -12.69 -1.95
C THR B 17 22.44 -12.97 -0.75
N LEU B 18 21.83 -13.23 0.40
CA LEU B 18 22.57 -13.46 1.64
C LEU B 18 23.22 -14.84 1.69
N CYS B 19 22.92 -15.73 0.73
CA CYS B 19 23.70 -16.95 0.57
C CYS B 19 25.12 -16.66 0.10
N LYS B 20 25.33 -15.52 -0.55
CA LYS B 20 26.64 -15.13 -1.07
C LYS B 20 27.22 -13.91 -0.38
N PHE B 21 26.43 -12.87 -0.15
CA PHE B 21 26.91 -11.61 0.40
C PHE B 21 26.52 -11.49 1.86
N ALA B 22 27.47 -11.06 2.70
CA ALA B 22 27.15 -10.82 4.09
C ALA B 22 26.16 -9.67 4.23
N ALA B 23 25.24 -9.81 5.18
CA ALA B 23 24.22 -8.79 5.40
C ALA B 23 24.85 -7.48 5.84
N ASN B 24 24.28 -6.39 5.36
CA ASN B 24 24.70 -5.06 5.77
C ASN B 24 24.52 -4.90 7.28
N GLY B 25 25.54 -4.41 7.95
CA GLY B 25 25.47 -4.17 9.39
C GLY B 25 25.83 -5.33 10.32
N THR B 26 25.24 -6.49 10.09
CA THR B 26 25.45 -7.64 10.97
C THR B 26 26.48 -8.63 10.45
N GLY B 27 26.67 -8.72 9.13
CA GLY B 27 27.54 -9.74 8.56
C GLY B 27 26.92 -11.11 8.44
N GLU B 28 25.64 -11.27 8.79
CA GLU B 28 25.00 -12.58 8.73
C GLU B 28 24.90 -13.09 7.29
N LYS B 29 24.90 -14.41 7.15
CA LYS B 29 24.70 -15.05 5.86
C LYS B 29 23.66 -16.16 6.01
N ASN B 30 22.93 -16.43 4.93
CA ASN B 30 22.15 -17.66 4.88
C ASN B 30 23.08 -18.81 4.53
N THR B 31 22.75 -20.00 5.05
CA THR B 31 23.59 -21.18 4.90
C THR B 31 22.82 -22.29 4.22
N HIS B 32 23.57 -23.27 3.70
CA HIS B 32 23.01 -24.48 3.12
C HIS B 32 22.06 -24.19 1.97
N CYS B 33 22.43 -23.22 1.13
CA CYS B 33 21.60 -22.78 0.02
C CYS B 33 21.77 -23.62 -1.23
N GLY B 34 22.72 -24.55 -1.27
CA GLY B 34 22.91 -25.28 -2.50
C GLY B 34 23.59 -24.41 -3.57
N ALA B 35 23.42 -24.84 -4.82
CA ALA B 35 24.19 -24.25 -5.91
C ALA B 35 23.87 -22.78 -6.15
N ILE B 36 22.68 -22.31 -5.78
CA ILE B 36 22.35 -20.92 -6.04
C ILE B 36 23.25 -19.96 -5.26
N GLN B 37 23.94 -20.45 -4.23
CA GLN B 37 24.83 -19.59 -3.46
C GLN B 37 25.93 -18.97 -4.31
N TYR B 38 26.34 -19.65 -5.38
CA TYR B 38 27.39 -19.11 -6.23
C TYR B 38 26.85 -18.14 -7.29
N GLU B 39 25.54 -18.13 -7.54
CA GLU B 39 24.94 -17.21 -8.52
C GLU B 39 23.56 -16.77 -8.03
N PRO B 40 23.53 -15.92 -6.99
CA PRO B 40 22.22 -15.44 -6.50
C PRO B 40 21.42 -14.70 -7.54
N GLN B 41 22.07 -14.20 -8.59
CA GLN B 41 21.37 -13.50 -9.67
C GLN B 41 20.46 -14.41 -10.50
N SER B 42 20.40 -15.71 -10.22
CA SER B 42 19.86 -16.68 -11.18
C SER B 42 18.53 -17.30 -10.77
N VAL B 43 17.76 -16.65 -9.90
CA VAL B 43 16.47 -17.24 -9.50
C VAL B 43 15.42 -16.85 -10.54
N GLU B 44 15.49 -17.49 -11.70
CA GLU B 44 14.66 -17.15 -12.85
C GLU B 44 13.57 -18.20 -13.02
N GLY B 45 12.32 -17.74 -13.20
CA GLY B 45 11.20 -18.64 -13.39
C GLY B 45 10.16 -18.09 -14.35
N PRO B 46 9.07 -18.85 -14.53
CA PRO B 46 8.05 -18.44 -15.49
C PRO B 46 7.28 -17.20 -15.05
N ASP B 47 6.95 -16.34 -16.02
CA ASP B 47 6.10 -15.18 -15.79
C ASP B 47 4.76 -15.59 -15.21
N GLY B 48 4.09 -14.63 -14.58
CA GLY B 48 2.64 -14.71 -14.41
C GLY B 48 2.12 -14.83 -13.00
N PHE B 49 2.99 -14.87 -11.99
CA PHE B 49 2.53 -14.95 -10.61
C PHE B 49 1.55 -13.80 -10.32
N PRO B 50 0.41 -14.07 -9.64
CA PRO B 50 0.01 -15.34 -9.06
C PRO B 50 -0.88 -16.19 -9.95
N VAL B 51 -1.38 -15.63 -11.06
CA VAL B 51 -2.29 -16.36 -11.93
C VAL B 51 -1.61 -17.59 -12.49
N THR B 52 -0.41 -17.41 -13.07
CA THR B 52 0.45 -18.53 -13.43
C THR B 52 1.75 -18.38 -12.66
N GLY B 53 2.89 -18.74 -13.25
CA GLY B 53 4.16 -18.60 -12.58
C GLY B 53 4.49 -19.76 -11.67
N PRO B 54 5.49 -19.57 -10.79
CA PRO B 54 5.93 -20.67 -9.91
C PRO B 54 4.80 -21.20 -9.03
N ARG B 55 4.70 -22.52 -8.96
CA ARG B 55 3.63 -23.13 -8.19
C ARG B 55 3.90 -22.99 -6.69
N ASP B 56 2.82 -23.12 -5.91
CA ASP B 56 2.94 -23.12 -4.45
C ASP B 56 3.98 -24.13 -4.00
N GLY B 57 4.79 -23.74 -3.02
CA GLY B 57 5.89 -24.55 -2.57
C GLY B 57 7.14 -24.42 -3.41
N LYS B 58 7.06 -23.76 -4.57
CA LYS B 58 8.21 -23.50 -5.44
C LYS B 58 8.36 -22.02 -5.74
N ILE B 59 7.79 -21.15 -4.90
CA ILE B 59 7.83 -19.71 -5.16
C ILE B 59 9.23 -19.16 -4.90
N ALA B 60 9.80 -19.52 -3.74
CA ALA B 60 11.12 -19.02 -3.35
C ALA B 60 12.21 -19.46 -4.32
N SER B 61 12.07 -20.65 -4.90
CA SER B 61 13.07 -21.14 -5.85
C SER B 61 12.72 -20.80 -7.30
N ALA B 62 11.54 -20.21 -7.54
CA ALA B 62 11.05 -19.97 -8.89
C ALA B 62 11.08 -21.24 -9.75
N GLU B 63 10.99 -22.40 -9.11
CA GLU B 63 11.05 -23.72 -9.73
C GLU B 63 12.43 -24.04 -10.32
N SER B 64 13.47 -23.34 -9.89
CA SER B 64 14.81 -23.60 -10.40
C SER B 64 15.45 -24.76 -9.66
N ALA B 65 15.97 -25.73 -10.42
CA ALA B 65 16.69 -26.84 -9.78
C ALA B 65 17.92 -26.35 -9.01
N LEU B 66 18.46 -25.17 -9.37
CA LEU B 66 19.60 -24.62 -8.65
C LEU B 66 19.19 -24.09 -7.27
N ALA B 67 17.97 -23.58 -7.14
CA ALA B 67 17.59 -22.80 -5.98
C ALA B 67 16.61 -23.53 -5.07
N ALA B 68 16.50 -24.86 -5.21
CA ALA B 68 15.46 -25.61 -4.48
C ALA B 68 15.58 -25.42 -2.98
N ALA B 69 16.79 -25.24 -2.45
CA ALA B 69 16.96 -25.10 -1.01
C ALA B 69 16.18 -23.91 -0.47
N LEU B 70 15.95 -22.88 -1.30
CA LEU B 70 15.25 -21.70 -0.82
C LEU B 70 13.79 -21.98 -0.47
N ASP B 71 13.24 -23.11 -0.91
CA ASP B 71 11.84 -23.40 -0.66
C ASP B 71 11.59 -23.88 0.78
N GLU B 72 12.62 -24.20 1.54
CA GLU B 72 12.38 -24.54 2.94
C GLU B 72 11.80 -23.34 3.67
N GLN B 73 10.86 -23.59 4.58
CA GLN B 73 10.18 -22.51 5.27
C GLN B 73 9.89 -22.94 6.70
N THR B 74 10.66 -22.40 7.65
CA THR B 74 10.37 -22.49 9.07
C THR B 74 10.63 -21.12 9.69
N ALA B 75 10.19 -20.98 10.95
CA ALA B 75 10.36 -19.71 11.66
C ALA B 75 11.83 -19.35 11.83
N ASP B 76 12.71 -20.34 11.92
CA ASP B 76 14.12 -20.10 12.23
C ASP B 76 15.06 -20.29 11.06
N ARG B 77 14.54 -20.66 9.88
CA ARG B 77 15.43 -21.12 8.82
C ARG B 77 16.31 -20.00 8.26
N TRP B 78 15.77 -18.79 8.11
CA TRP B 78 16.40 -17.76 7.29
C TRP B 78 16.78 -16.52 8.09
N VAL B 79 17.82 -15.84 7.61
CA VAL B 79 18.22 -14.58 8.23
C VAL B 79 17.15 -13.54 7.99
N LYS B 80 16.61 -12.96 9.05
CA LYS B 80 15.61 -11.92 8.95
C LYS B 80 16.26 -10.55 9.03
N ARG B 81 15.76 -9.61 8.22
CA ARG B 81 16.28 -8.26 8.18
C ARG B 81 15.28 -7.27 8.77
N PRO B 82 15.74 -6.30 9.56
CA PRO B 82 14.80 -5.37 10.20
C PRO B 82 14.14 -4.46 9.18
N ILE B 83 12.87 -4.15 9.45
CA ILE B 83 12.08 -3.28 8.58
C ILE B 83 11.01 -2.60 9.44
N GLN B 84 10.51 -1.47 8.93
CA GLN B 84 9.43 -0.72 9.55
C GLN B 84 8.38 -0.44 8.48
N ALA B 85 7.13 -0.34 8.91
CA ALA B 85 6.09 0.14 8.01
C ALA B 85 6.40 1.56 7.56
N GLY B 86 5.81 1.95 6.43
CA GLY B 86 6.02 3.26 5.88
C GLY B 86 7.08 3.27 4.78
N PRO B 87 7.66 4.44 4.53
CA PRO B 87 8.58 4.57 3.39
C PRO B 87 9.81 3.70 3.55
N GLN B 88 10.06 2.87 2.53
CA GLN B 88 11.29 2.11 2.46
C GLN B 88 11.72 2.05 1.00
N THR B 89 13.00 1.78 0.80
CA THR B 89 13.57 1.67 -0.54
C THR B 89 14.09 0.26 -0.72
N PHE B 90 13.75 -0.34 -1.85
CA PHE B 90 14.25 -1.65 -2.24
C PHE B 90 15.19 -1.48 -3.43
N GLU B 91 16.22 -2.30 -3.48
CA GLU B 91 17.27 -2.16 -4.46
C GLU B 91 17.48 -3.48 -5.19
N TRP B 92 17.63 -3.39 -6.51
CA TRP B 92 18.05 -4.52 -7.34
C TRP B 92 19.43 -4.24 -7.91
N THR B 93 20.27 -5.28 -7.92
CA THR B 93 21.54 -5.27 -8.65
C THR B 93 21.43 -6.27 -9.79
N PHE B 94 21.73 -5.83 -11.01
CA PHE B 94 21.62 -6.70 -12.18
C PHE B 94 23.00 -7.06 -12.68
N THR B 95 23.29 -8.36 -12.75
CA THR B 95 24.45 -8.81 -13.50
C THR B 95 24.19 -8.71 -15.00
N ALA B 96 22.93 -8.75 -15.41
CA ALA B 96 22.55 -8.54 -16.81
C ALA B 96 21.26 -7.75 -16.80
N ASN B 97 21.32 -6.47 -17.20
CA ASN B 97 20.17 -5.56 -17.02
C ASN B 97 19.25 -5.62 -18.22
N HIS B 98 18.43 -6.68 -18.27
CA HIS B 98 17.57 -6.92 -19.42
C HIS B 98 16.46 -5.87 -19.51
N VAL B 99 15.97 -5.69 -20.74
CA VAL B 99 14.74 -4.93 -20.99
C VAL B 99 13.66 -5.39 -20.02
N THR B 100 13.01 -4.43 -19.37
CA THR B 100 12.17 -4.71 -18.20
C THR B 100 10.73 -4.30 -18.45
N LYS B 101 9.79 -5.20 -18.15
CA LYS B 101 8.38 -4.86 -18.14
C LYS B 101 8.02 -4.07 -16.88
N ASP B 102 8.18 -4.67 -15.71
CA ASP B 102 7.93 -3.97 -14.45
C ASP B 102 8.56 -4.73 -13.30
N TRP B 103 8.45 -4.15 -12.11
CA TRP B 103 8.79 -4.78 -10.84
C TRP B 103 7.55 -4.74 -9.94
N LYS B 104 7.29 -5.82 -9.20
CA LYS B 104 6.17 -5.83 -8.28
C LYS B 104 6.61 -6.45 -6.97
N TYR B 105 6.08 -5.93 -5.86
CA TYR B 105 6.45 -6.39 -4.53
C TYR B 105 5.19 -6.78 -3.78
N TYR B 106 5.19 -7.99 -3.23
CA TYR B 106 4.08 -8.54 -2.46
C TYR B 106 4.56 -8.81 -1.05
N ILE B 107 3.64 -8.76 -0.10
CA ILE B 107 3.98 -9.06 1.28
C ILE B 107 3.00 -10.09 1.82
N THR B 108 3.48 -10.92 2.75
CA THR B 108 2.65 -11.93 3.37
C THR B 108 1.48 -11.30 4.14
N LYS B 109 0.39 -12.05 4.24
CA LYS B 109 -0.74 -11.66 5.08
C LYS B 109 -0.32 -11.64 6.55
N PRO B 110 -0.95 -10.79 7.37
CA PRO B 110 -0.53 -10.68 8.78
C PRO B 110 -0.42 -12.00 9.51
N ASN B 111 -1.32 -12.95 9.25
CA ASN B 111 -1.35 -14.22 9.98
C ASN B 111 -0.89 -15.39 9.12
N TRP B 112 0.00 -15.14 8.16
CA TRP B 112 0.59 -16.23 7.39
C TRP B 112 1.32 -17.20 8.32
N ASN B 113 1.49 -18.44 7.84
CA ASN B 113 2.12 -19.51 8.62
C ASN B 113 3.60 -19.60 8.25
N PRO B 114 4.52 -19.16 9.13
CA PRO B 114 5.95 -19.19 8.77
C PRO B 114 6.55 -20.58 8.76
N ASN B 115 5.81 -21.60 9.18
CA ASN B 115 6.35 -22.95 9.31
C ASN B 115 5.77 -23.91 8.29
N GLN B 116 5.32 -23.41 7.15
CA GLN B 116 4.88 -24.25 6.06
C GLN B 116 5.36 -23.62 4.77
N PRO B 117 5.52 -24.41 3.70
CA PRO B 117 6.04 -23.85 2.45
C PRO B 117 5.22 -22.67 1.97
N LEU B 118 5.90 -21.70 1.36
CA LEU B 118 5.22 -20.51 0.85
C LEU B 118 4.22 -20.88 -0.23
N SER B 119 3.08 -20.17 -0.22
CA SER B 119 1.98 -20.45 -1.12
C SER B 119 1.28 -19.13 -1.42
N ARG B 120 0.42 -19.15 -2.44
CA ARG B 120 -0.36 -17.96 -2.78
C ARG B 120 -1.24 -17.53 -1.61
N ASP B 121 -1.74 -18.48 -0.83
CA ASP B 121 -2.59 -18.14 0.30
C ASP B 121 -1.83 -17.43 1.41
N ALA B 122 -0.50 -17.50 1.42
CA ALA B 122 0.29 -16.79 2.43
C ALA B 122 0.48 -15.31 2.11
N PHE B 123 0.23 -14.88 0.89
CA PHE B 123 0.56 -13.54 0.43
C PHE B 123 -0.71 -12.74 0.19
N ASP B 124 -0.64 -11.44 0.50
CA ASP B 124 -1.57 -10.47 -0.08
C ASP B 124 -1.25 -10.34 -1.56
N LEU B 125 -2.14 -10.85 -2.41
CA LEU B 125 -1.89 -10.87 -3.85
C LEU B 125 -2.08 -9.51 -4.51
N ASN B 126 -2.47 -8.48 -3.76
CA ASN B 126 -2.41 -7.11 -4.27
C ASN B 126 -1.02 -6.57 -3.99
N PRO B 127 -0.19 -6.31 -5.00
CA PRO B 127 1.18 -5.86 -4.71
C PRO B 127 1.15 -4.52 -3.98
N PHE B 128 2.06 -4.36 -3.01
CA PHE B 128 2.11 -3.11 -2.27
C PHE B 128 3.02 -2.07 -2.93
N CYS B 129 3.75 -2.47 -3.98
CA CYS B 129 4.61 -1.57 -4.74
C CYS B 129 4.69 -2.08 -6.17
N VAL B 130 4.54 -1.19 -7.14
CA VAL B 130 4.67 -1.53 -8.55
C VAL B 130 5.49 -0.44 -9.23
N VAL B 131 6.56 -0.81 -9.91
CA VAL B 131 7.40 0.14 -10.65
C VAL B 131 7.39 -0.27 -12.12
N GLU B 132 6.98 0.65 -12.98
CA GLU B 132 6.97 0.36 -14.41
C GLU B 132 8.40 0.34 -14.97
N GLY B 133 8.65 -0.57 -15.91
CA GLY B 133 9.94 -0.63 -16.57
C GLY B 133 9.95 -0.07 -17.99
N ASN B 134 8.77 0.15 -18.56
CA ASN B 134 8.60 0.81 -19.87
C ASN B 134 9.28 0.07 -21.01
N MET B 135 9.54 -1.22 -20.85
CA MET B 135 10.14 -2.06 -21.89
C MET B 135 11.44 -1.47 -22.42
N VAL B 136 12.26 -0.95 -21.50
CA VAL B 136 13.60 -0.49 -21.81
C VAL B 136 14.55 -1.09 -20.79
N GLN B 137 15.85 -1.01 -21.10
CA GLN B 137 16.88 -1.46 -20.16
C GLN B 137 16.98 -0.48 -18.99
N PRO B 138 16.99 -0.97 -17.76
CA PRO B 138 17.25 -0.11 -16.61
C PRO B 138 18.75 0.04 -16.39
N PRO B 139 19.16 0.95 -15.51
CA PRO B 139 20.55 0.95 -15.04
C PRO B 139 20.87 -0.39 -14.37
N LYS B 140 22.16 -0.66 -14.20
CA LYS B 140 22.56 -1.94 -13.61
C LYS B 140 22.28 -2.02 -12.12
N ARG B 141 21.88 -0.91 -11.50
CA ARG B 141 21.40 -0.93 -10.13
C ARG B 141 20.28 0.10 -10.04
N VAL B 142 19.15 -0.29 -9.45
CA VAL B 142 17.98 0.57 -9.33
C VAL B 142 17.50 0.58 -7.89
N SER B 143 16.90 1.69 -7.48
CA SER B 143 16.28 1.83 -6.17
C SER B 143 14.80 2.17 -6.37
N HIS B 144 13.93 1.44 -5.67
CA HIS B 144 12.48 1.64 -5.75
C HIS B 144 11.96 2.10 -4.40
N GLU B 145 11.28 3.23 -4.39
CA GLU B 145 10.70 3.77 -3.16
C GLU B 145 9.28 3.26 -3.02
N CYS B 146 8.99 2.64 -1.88
CA CYS B 146 7.70 2.00 -1.63
C CYS B 146 7.17 2.39 -0.25
N ILE B 147 5.89 2.13 -0.05
CA ILE B 147 5.25 2.26 1.26
C ILE B 147 4.95 0.85 1.75
N VAL B 148 5.66 0.44 2.79
CA VAL B 148 5.54 -0.92 3.32
C VAL B 148 4.34 -0.96 4.27
N PRO B 149 3.41 -1.91 4.08
CA PRO B 149 2.23 -1.96 4.94
C PRO B 149 2.59 -2.27 6.39
N GLU B 150 1.60 -2.07 7.26
CA GLU B 150 1.80 -2.33 8.68
C GLU B 150 1.74 -3.82 8.95
N ARG B 151 2.74 -4.34 9.67
CA ARG B 151 2.83 -5.74 10.04
C ARG B 151 3.54 -5.84 11.38
N GLU B 152 3.42 -7.01 12.01
CA GLU B 152 4.17 -7.34 13.21
C GLU B 152 4.99 -8.61 12.99
N GLY B 153 6.15 -8.66 13.62
CA GLY B 153 7.03 -9.82 13.59
C GLY B 153 7.53 -10.17 12.20
N TYR B 154 7.75 -11.47 12.00
CA TYR B 154 8.37 -12.00 10.80
C TYR B 154 7.37 -11.99 9.63
N GLN B 155 7.82 -11.45 8.49
CA GLN B 155 7.03 -11.45 7.27
C GLN B 155 7.98 -11.75 6.11
N VAL B 156 7.40 -12.13 4.97
CA VAL B 156 8.18 -12.36 3.75
C VAL B 156 7.67 -11.42 2.68
N ILE B 157 8.61 -10.73 2.02
CA ILE B 157 8.30 -9.91 0.86
C ILE B 157 8.79 -10.64 -0.38
N LEU B 158 7.92 -10.75 -1.38
CA LEU B 158 8.27 -11.33 -2.66
C LEU B 158 8.45 -10.21 -3.68
N ALA B 159 9.67 -10.06 -4.17
CA ALA B 159 10.01 -9.09 -5.20
C ALA B 159 10.10 -9.82 -6.53
N VAL B 160 9.36 -9.33 -7.53
CA VAL B 160 9.27 -9.99 -8.83
C VAL B 160 9.75 -9.02 -9.90
N TRP B 161 10.78 -9.40 -10.64
CA TRP B 161 11.32 -8.60 -11.74
C TRP B 161 10.94 -9.28 -13.05
N ASP B 162 10.03 -8.67 -13.79
CA ASP B 162 9.53 -9.27 -15.02
C ASP B 162 10.36 -8.76 -16.20
N VAL B 163 11.21 -9.63 -16.74
CA VAL B 163 12.00 -9.32 -17.92
C VAL B 163 11.07 -9.22 -19.12
N GLY B 164 11.14 -8.08 -19.84
CA GLY B 164 10.11 -7.76 -20.81
C GLY B 164 10.25 -8.44 -22.16
N ASP B 165 11.42 -9.00 -22.48
CA ASP B 165 11.58 -9.63 -23.79
C ASP B 165 11.71 -11.16 -23.70
N THR B 166 11.30 -11.75 -22.57
CA THR B 166 11.24 -13.20 -22.42
C THR B 166 10.01 -13.56 -21.60
N ALA B 167 9.62 -14.83 -21.67
CA ALA B 167 8.53 -15.33 -20.83
C ALA B 167 8.96 -15.58 -19.40
N ALA B 168 10.06 -15.00 -18.95
CA ALA B 168 10.62 -15.28 -17.64
C ALA B 168 10.64 -14.05 -16.73
N SER B 169 10.62 -14.30 -15.43
CA SER B 169 10.76 -13.30 -14.40
C SER B 169 11.77 -13.78 -13.38
N PHE B 170 12.28 -12.86 -12.56
CA PHE B 170 13.12 -13.22 -11.42
C PHE B 170 12.35 -13.01 -10.13
N TYR B 171 12.43 -14.00 -9.24
CA TYR B 171 11.66 -14.03 -7.99
C TYR B 171 12.63 -14.02 -6.82
N ASN B 172 12.59 -12.98 -6.00
CA ASN B 172 13.46 -12.87 -4.83
C ASN B 172 12.58 -12.68 -3.61
N VAL B 173 12.50 -13.71 -2.76
CA VAL B 173 11.84 -13.53 -1.47
C VAL B 173 12.81 -12.83 -0.54
N ILE B 174 12.25 -12.03 0.38
CA ILE B 174 12.99 -11.26 1.37
C ILE B 174 12.40 -11.56 2.73
N ASP B 175 13.25 -11.99 3.67
CA ASP B 175 12.79 -12.26 5.04
C ASP B 175 12.97 -11.01 5.89
N VAL B 176 11.86 -10.47 6.42
CA VAL B 176 11.93 -9.25 7.20
C VAL B 176 11.29 -9.44 8.58
N LYS B 177 11.74 -8.62 9.52
CA LYS B 177 11.26 -8.63 10.91
C LYS B 177 10.75 -7.25 11.26
N PHE B 178 9.44 -7.10 11.35
CA PHE B 178 8.87 -5.91 11.96
C PHE B 178 8.95 -6.03 13.48
N ASP B 179 8.79 -4.90 14.16
CA ASP B 179 8.66 -4.94 15.61
C ASP B 179 7.49 -5.83 16.02
N GLY B 180 7.57 -6.38 17.23
CA GLY B 180 6.53 -7.24 17.75
C GLY B 180 6.63 -8.66 17.24
CU CU C . -21.67 -1.02 -0.11
CA CA D . -11.48 -4.08 -1.55
CU CU E . 19.55 -12.55 -17.16
CA CA F . 8.81 -11.88 -18.74
#